data_7UYT
#
_entry.id   7UYT
#
_cell.length_a   35.975
_cell.length_b   73.829
_cell.length_c   104.771
_cell.angle_alpha   90.000
_cell.angle_beta   90.000
_cell.angle_gamma   90.000
#
_symmetry.space_group_name_H-M   'P 21 21 21'
#
loop_
_entity.id
_entity.type
_entity.pdbx_description
1 polymer 'Non-receptor tyrosine-protein kinase TYK2'
2 non-polymer 6-{[(2M)-2-(2-chloro-6-fluorophenyl)-5-oxo-5H-pyrrolo[3,4-b]pyridin-4-yl]amino}-N-ethylpyridine-3-carboxamide
3 water water
#
_entity_poly.entity_id   1
_entity_poly.type   'polypeptide(L)'
_entity_poly.pdbx_seq_one_letter_code
;PTVFHKRYLKKIRDLGEGHFGKVSLYCYDPTNDGTGEMVAVKALKADCGPQHRSGWKQEIDILRTLYHEHIIKYKGCCED
QGEKSLQLVMEYVPLGSLRDYLPRHSIGLAQLLLFAQQICEGMAYLHAQHYIHRDLAARNVLLDNDRLVKIGDFGLAKAV
PEGHE(PTR)(PTR)RVREDGDSPVFWYAPECLKEYKFYYASDVWSFGVTLYELLTHCDSSQSPPTKFLELIGIAQGQMT
VLRLTELLERGERLPRPDKCPCEVYHLMKNCWETEASFRPTFENLIPILKTVHEKYQ
;
_entity_poly.pdbx_strand_id   A
#
# COMPACT_ATOMS: atom_id res chain seq x y z
N THR A 2 16.24 20.80 -5.54
CA THR A 2 15.93 19.58 -4.74
C THR A 2 15.65 19.96 -3.28
N VAL A 3 16.40 20.91 -2.72
CA VAL A 3 16.30 21.32 -1.28
C VAL A 3 15.21 22.38 -1.14
N PHE A 4 14.19 22.10 -0.33
CA PHE A 4 13.13 23.04 0.11
C PHE A 4 13.60 23.76 1.37
N HIS A 5 13.29 25.06 1.49
CA HIS A 5 13.67 25.91 2.65
C HIS A 5 12.50 25.95 3.65
N LYS A 6 12.78 25.84 4.94
CA LYS A 6 11.81 26.04 6.06
C LYS A 6 11.19 27.44 5.98
N ARG A 7 11.97 28.42 5.51
CA ARG A 7 11.54 29.84 5.32
C ARG A 7 10.14 29.88 4.70
N TYR A 8 9.97 29.25 3.52
CA TYR A 8 8.78 29.44 2.64
C TYR A 8 7.85 28.23 2.73
N LEU A 9 7.97 27.43 3.79
CA LEU A 9 7.22 26.16 3.95
C LEU A 9 6.31 26.30 5.18
N LYS A 10 5.06 26.72 4.97
CA LYS A 10 4.06 26.98 6.04
C LYS A 10 3.11 25.79 6.15
N LYS A 11 2.93 25.25 7.35
CA LYS A 11 2.08 24.05 7.56
C LYS A 11 0.62 24.47 7.41
N ILE A 12 -0.20 23.62 6.80
CA ILE A 12 -1.67 23.85 6.60
C ILE A 12 -2.43 22.92 7.55
N ARG A 13 -2.13 21.62 7.45
CA ARG A 13 -2.76 20.57 8.28
C ARG A 13 -1.98 19.27 8.15
N ASP A 14 -2.27 18.31 9.04
CA ASP A 14 -1.80 16.91 8.94
C ASP A 14 -2.69 16.15 7.96
N LEU A 15 -2.10 15.21 7.22
CA LEU A 15 -2.82 14.26 6.33
C LEU A 15 -2.95 12.91 7.03
N GLY A 16 -1.91 12.43 7.69
CA GLY A 16 -2.01 11.19 8.49
C GLY A 16 -0.68 10.71 9.00
N GLU A 17 -0.64 9.46 9.49
CA GLU A 17 0.57 8.84 10.06
C GLU A 17 0.97 7.65 9.18
N GLY A 18 2.15 7.75 8.57
CA GLY A 18 2.83 6.62 7.91
C GLY A 18 3.55 5.80 8.96
N HIS A 19 4.53 4.99 8.52
CA HIS A 19 5.24 4.00 9.36
C HIS A 19 6.21 4.70 10.31
N PHE A 20 6.90 5.71 9.79
CA PHE A 20 7.74 6.66 10.56
C PHE A 20 7.11 8.05 10.39
N GLY A 21 6.43 8.49 11.45
CA GLY A 21 6.00 9.89 11.66
C GLY A 21 4.94 10.37 10.68
N LYS A 22 4.61 11.66 10.81
CA LYS A 22 3.39 12.30 10.27
C LYS A 22 3.62 12.64 8.79
N VAL A 23 2.54 12.62 8.02
CA VAL A 23 2.45 13.19 6.66
C VAL A 23 1.59 14.45 6.79
N SER A 24 2.10 15.58 6.34
CA SER A 24 1.43 16.89 6.52
C SER A 24 1.37 17.63 5.19
N LEU A 25 0.33 18.47 5.03
CA LEU A 25 0.15 19.39 3.89
C LEU A 25 0.86 20.71 4.22
N TYR A 26 1.72 21.18 3.32
CA TYR A 26 2.36 22.51 3.39
C TYR A 26 2.11 23.22 2.06
N CYS A 27 1.85 24.53 2.13
CA CYS A 27 2.04 25.47 1.00
C CYS A 27 3.53 25.84 1.01
N TYR A 28 4.23 25.59 -0.08
CA TYR A 28 5.59 26.14 -0.33
C TYR A 28 5.47 27.38 -1.21
N ASP A 29 5.57 28.57 -0.61
CA ASP A 29 5.33 29.88 -1.28
C ASP A 29 6.56 30.77 -1.12
N PRO A 30 7.66 30.49 -1.88
CA PRO A 30 8.81 31.40 -1.98
C PRO A 30 8.48 32.87 -2.30
N THR A 31 7.47 33.13 -3.13
CA THR A 31 7.03 34.50 -3.52
C THR A 31 6.44 35.22 -2.30
N ASN A 32 5.82 34.47 -1.39
CA ASN A 32 5.12 34.99 -0.17
C ASN A 32 3.81 35.65 -0.61
N ASP A 33 3.16 35.11 -1.64
CA ASP A 33 1.89 35.62 -2.24
C ASP A 33 1.01 34.43 -2.65
N GLY A 36 2.30 29.63 -5.19
CA GLY A 36 3.05 28.71 -4.30
C GLY A 36 2.61 27.26 -4.47
N GLU A 37 3.58 26.35 -4.62
CA GLU A 37 3.34 24.90 -4.85
C GLU A 37 2.90 24.27 -3.51
N MET A 38 1.85 23.44 -3.54
CA MET A 38 1.30 22.70 -2.37
C MET A 38 1.93 21.31 -2.32
N VAL A 39 2.56 20.91 -1.21
CA VAL A 39 3.36 19.65 -1.13
C VAL A 39 3.03 18.84 0.14
N ALA A 40 3.06 17.52 0.00
CA ALA A 40 3.00 16.52 1.09
C ALA A 40 4.39 16.37 1.71
N VAL A 41 4.52 16.59 3.01
CA VAL A 41 5.83 16.46 3.71
C VAL A 41 5.72 15.38 4.80
N LYS A 42 6.42 14.26 4.60
CA LYS A 42 6.59 13.18 5.60
C LYS A 42 7.81 13.53 6.47
N ALA A 43 7.66 13.40 7.78
CA ALA A 43 8.69 13.76 8.79
C ALA A 43 8.94 12.60 9.73
N LEU A 44 10.16 12.53 10.27
CA LEU A 44 10.53 11.70 11.45
C LEU A 44 10.00 12.39 12.73
N LYS A 45 9.39 11.62 13.63
CA LYS A 45 8.82 12.10 14.93
C LYS A 45 9.94 12.63 15.82
N HIS A 52 13.99 2.95 13.97
CA HIS A 52 13.18 4.12 13.53
C HIS A 52 14.02 5.03 12.61
N ARG A 53 15.12 5.58 13.15
CA ARG A 53 16.04 6.52 12.45
C ARG A 53 16.74 5.82 11.28
N SER A 54 17.00 4.51 11.41
CA SER A 54 17.61 3.62 10.38
C SER A 54 16.60 3.35 9.25
N GLY A 55 15.38 2.93 9.60
CA GLY A 55 14.28 2.65 8.66
C GLY A 55 13.80 3.90 7.95
N TRP A 56 13.83 5.05 8.62
CA TRP A 56 13.38 6.36 8.06
C TRP A 56 14.37 6.82 6.97
N LYS A 57 15.67 6.74 7.24
CA LYS A 57 16.74 7.03 6.25
C LYS A 57 16.51 6.16 5.00
N GLN A 58 16.01 4.93 5.19
CA GLN A 58 15.79 3.96 4.09
C GLN A 58 14.62 4.42 3.22
N GLU A 59 13.51 4.86 3.83
CA GLU A 59 12.35 5.31 3.02
C GLU A 59 12.79 6.45 2.07
N ILE A 60 13.60 7.39 2.56
CA ILE A 60 14.14 8.55 1.79
C ILE A 60 14.95 8.04 0.59
N ASP A 61 15.88 7.12 0.82
CA ASP A 61 16.84 6.61 -0.21
C ASP A 61 16.05 5.78 -1.22
N ILE A 62 14.97 5.12 -0.80
CA ILE A 62 14.16 4.25 -1.70
C ILE A 62 13.35 5.15 -2.66
N LEU A 63 12.52 6.01 -2.11
CA LEU A 63 11.60 6.87 -2.90
C LEU A 63 12.42 7.82 -3.79
N ARG A 64 13.66 8.15 -3.41
CA ARG A 64 14.57 9.03 -4.20
C ARG A 64 15.05 8.29 -5.46
N THR A 65 15.01 6.95 -5.46
CA THR A 65 15.43 6.08 -6.59
C THR A 65 14.26 5.82 -7.54
N LEU A 66 13.01 5.80 -7.04
CA LEU A 66 11.81 5.32 -7.78
C LEU A 66 11.19 6.44 -8.62
N TYR A 67 10.93 6.17 -9.90
CA TYR A 67 10.23 7.09 -10.83
C TYR A 67 9.27 6.26 -11.67
N HIS A 68 7.96 6.43 -11.49
CA HIS A 68 6.92 5.68 -12.24
C HIS A 68 5.57 6.39 -12.13
N GLU A 69 4.69 6.20 -13.10
CA GLU A 69 3.41 6.97 -13.16
C GLU A 69 2.45 6.45 -12.08
N HIS A 70 2.74 5.30 -11.46
CA HIS A 70 1.87 4.73 -10.39
C HIS A 70 2.65 4.61 -9.09
N ILE A 71 3.71 5.42 -8.95
CA ILE A 71 4.46 5.65 -7.69
C ILE A 71 4.43 7.14 -7.34
N ILE A 72 4.07 7.46 -6.10
CA ILE A 72 3.95 8.86 -5.59
C ILE A 72 5.24 9.60 -5.98
N LYS A 73 5.12 10.77 -6.60
CA LYS A 73 6.26 11.63 -7.04
C LYS A 73 7.06 12.10 -5.82
N TYR A 74 8.35 11.74 -5.74
CA TYR A 74 9.38 12.39 -4.92
C TYR A 74 9.68 13.77 -5.51
N LYS A 75 9.93 14.75 -4.64
CA LYS A 75 10.24 16.16 -5.02
C LYS A 75 11.59 16.55 -4.41
N GLY A 76 11.76 16.34 -3.11
CA GLY A 76 13.02 16.72 -2.46
C GLY A 76 13.04 16.38 -0.99
N CYS A 77 14.06 16.88 -0.30
CA CYS A 77 14.32 16.72 1.15
C CYS A 77 14.53 18.11 1.76
N CYS A 78 13.78 18.42 2.82
CA CYS A 78 13.85 19.68 3.60
C CYS A 78 14.65 19.46 4.90
N GLU A 79 15.85 20.02 5.03
CA GLU A 79 16.76 19.75 6.17
C GLU A 79 16.15 20.29 7.46
N ASP A 80 15.38 19.43 8.15
CA ASP A 80 14.56 19.75 9.36
C ASP A 80 15.44 19.83 10.60
N GLN A 81 15.70 21.05 11.08
CA GLN A 81 16.53 21.37 12.26
C GLN A 81 15.87 20.84 13.55
N GLY A 82 14.55 20.63 13.53
CA GLY A 82 13.73 20.19 14.69
C GLY A 82 13.93 18.73 15.07
N GLU A 83 14.35 17.86 14.14
CA GLU A 83 14.53 16.39 14.36
C GLU A 83 15.93 15.92 13.94
N LYS A 84 16.86 16.84 13.63
CA LYS A 84 18.27 16.55 13.24
C LYS A 84 18.32 15.57 12.06
N SER A 85 17.44 15.75 11.07
CA SER A 85 17.26 14.82 9.92
C SER A 85 16.64 15.58 8.73
N LEU A 86 16.29 14.85 7.66
CA LEU A 86 15.53 15.36 6.50
C LEU A 86 14.05 14.98 6.64
N GLN A 87 13.17 15.85 6.14
CA GLN A 87 11.75 15.53 5.86
C GLN A 87 11.64 15.14 4.38
N LEU A 88 10.84 14.13 4.06
CA LEU A 88 10.57 13.70 2.67
C LEU A 88 9.45 14.58 2.13
N VAL A 89 9.73 15.30 1.04
CA VAL A 89 8.75 16.19 0.34
C VAL A 89 8.28 15.47 -0.93
N MET A 90 6.97 15.27 -1.05
CA MET A 90 6.32 14.50 -2.15
C MET A 90 5.19 15.34 -2.71
N GLU A 91 4.67 14.96 -3.87
CA GLU A 91 3.51 15.63 -4.52
C GLU A 91 2.29 15.51 -3.60
N TYR A 92 1.40 16.50 -3.64
CA TYR A 92 0.13 16.54 -2.88
C TYR A 92 -0.98 16.05 -3.82
N VAL A 93 -1.79 15.12 -3.34
CA VAL A 93 -2.96 14.53 -4.05
C VAL A 93 -4.14 14.61 -3.10
N PRO A 94 -5.00 15.65 -3.20
CA PRO A 94 -6.00 15.92 -2.17
C PRO A 94 -7.12 14.88 -2.06
N LEU A 95 -7.30 14.02 -3.07
CA LEU A 95 -8.34 12.95 -3.04
C LEU A 95 -7.94 11.86 -2.02
N GLY A 96 -6.65 11.81 -1.65
CA GLY A 96 -6.11 10.93 -0.60
C GLY A 96 -6.11 9.46 -0.99
N SER A 97 -6.22 8.58 0.00
CA SER A 97 -6.14 7.12 -0.17
C SER A 97 -7.47 6.58 -0.68
N LEU A 98 -7.42 5.42 -1.35
CA LEU A 98 -8.62 4.67 -1.77
C LEU A 98 -9.44 4.27 -0.55
N ARG A 99 -8.81 4.10 0.62
CA ARG A 99 -9.54 3.82 1.89
C ARG A 99 -10.37 5.04 2.31
N ASP A 100 -9.89 6.25 2.01
CA ASP A 100 -10.54 7.55 2.34
C ASP A 100 -11.66 7.80 1.33
N TYR A 101 -11.36 7.59 0.05
CA TYR A 101 -12.17 8.02 -1.12
C TYR A 101 -13.33 7.04 -1.38
N LEU A 102 -13.07 5.72 -1.45
CA LEU A 102 -14.05 4.72 -1.93
C LEU A 102 -15.29 4.63 -1.04
N PRO A 103 -15.19 4.72 0.31
CA PRO A 103 -16.41 4.72 1.13
C PRO A 103 -17.42 5.85 0.79
N ARG A 104 -16.99 6.94 0.13
CA ARG A 104 -17.85 8.15 -0.12
C ARG A 104 -18.06 8.40 -1.62
N HIS A 105 -17.65 7.48 -2.50
CA HIS A 105 -17.78 7.60 -3.97
C HIS A 105 -18.08 6.22 -4.58
N SER A 106 -19.31 6.01 -5.05
CA SER A 106 -19.82 4.74 -5.66
C SER A 106 -19.07 4.41 -6.96
N ILE A 107 -17.78 4.11 -6.93
CA ILE A 107 -16.97 3.87 -8.17
C ILE A 107 -17.42 2.56 -8.85
N GLY A 108 -17.64 2.57 -10.17
CA GLY A 108 -18.05 1.39 -10.97
C GLY A 108 -16.96 0.31 -11.04
N LEU A 109 -17.34 -0.89 -11.47
CA LEU A 109 -16.45 -2.10 -11.48
C LEU A 109 -15.25 -1.88 -12.42
N ALA A 110 -15.46 -1.25 -13.58
CA ALA A 110 -14.40 -1.08 -14.60
C ALA A 110 -13.31 -0.18 -14.04
N GLN A 111 -13.72 0.87 -13.34
CA GLN A 111 -12.80 1.84 -12.73
C GLN A 111 -11.98 1.14 -11.65
N LEU A 112 -12.63 0.32 -10.82
CA LEU A 112 -11.91 -0.43 -9.75
C LEU A 112 -10.84 -1.34 -10.40
N LEU A 113 -11.12 -1.94 -11.56
CA LEU A 113 -10.15 -2.88 -12.22
C LEU A 113 -9.02 -2.08 -12.87
N LEU A 114 -9.29 -0.87 -13.37
CA LEU A 114 -8.24 0.08 -13.87
C LEU A 114 -7.29 0.40 -12.71
N PHE A 115 -7.83 0.70 -11.51
CA PHE A 115 -7.01 0.95 -10.29
C PHE A 115 -6.10 -0.26 -10.02
N ALA A 116 -6.68 -1.46 -10.06
CA ALA A 116 -5.99 -2.75 -9.80
C ALA A 116 -4.92 -3.01 -10.87
N GLN A 117 -5.23 -2.74 -12.14
CA GLN A 117 -4.22 -2.77 -13.23
C GLN A 117 -3.06 -1.82 -12.88
N GLN A 118 -3.38 -0.59 -12.48
CA GLN A 118 -2.37 0.46 -12.21
C GLN A 118 -1.46 0.03 -11.04
N ILE A 119 -2.03 -0.43 -9.92
CA ILE A 119 -1.24 -0.97 -8.76
C ILE A 119 -0.22 -2.02 -9.25
N CYS A 120 -0.67 -2.98 -10.05
CA CYS A 120 0.18 -4.07 -10.59
C CYS A 120 1.33 -3.50 -11.45
N GLU A 121 1.05 -2.51 -12.30
CA GLU A 121 2.11 -1.86 -13.12
C GLU A 121 3.17 -1.29 -12.18
N GLY A 122 2.78 -0.50 -11.18
CA GLY A 122 3.72 0.11 -10.23
C GLY A 122 4.48 -0.93 -9.42
N MET A 123 3.80 -1.98 -8.98
CA MET A 123 4.43 -3.08 -8.18
C MET A 123 5.39 -3.88 -9.09
N ALA A 124 5.04 -4.12 -10.36
CA ALA A 124 5.93 -4.77 -11.36
C ALA A 124 7.21 -3.95 -11.47
N TYR A 125 7.07 -2.62 -11.46
CA TYR A 125 8.22 -1.69 -11.58
C TYR A 125 9.06 -1.82 -10.30
N LEU A 126 8.40 -1.83 -9.14
CA LEU A 126 9.07 -1.88 -7.81
C LEU A 126 9.89 -3.18 -7.70
N HIS A 127 9.28 -4.31 -8.05
CA HIS A 127 9.96 -5.64 -8.11
C HIS A 127 11.16 -5.58 -9.05
N ALA A 128 10.98 -5.05 -10.28
CA ALA A 128 12.04 -4.94 -11.30
C ALA A 128 13.25 -4.20 -10.70
N GLN A 129 13.01 -3.21 -9.83
CA GLN A 129 14.07 -2.42 -9.13
C GLN A 129 14.54 -3.16 -7.87
N HIS A 130 14.16 -4.42 -7.71
CA HIS A 130 14.50 -5.31 -6.55
C HIS A 130 14.12 -4.60 -5.24
N TYR A 131 12.83 -4.32 -5.04
CA TYR A 131 12.27 -3.84 -3.75
C TYR A 131 10.98 -4.61 -3.48
N ILE A 132 10.73 -4.95 -2.21
CA ILE A 132 9.38 -5.38 -1.74
C ILE A 132 8.73 -4.18 -1.05
N HIS A 133 7.40 -4.11 -1.09
CA HIS A 133 6.60 -3.03 -0.47
C HIS A 133 6.38 -3.37 1.01
N ARG A 134 5.78 -4.53 1.29
CA ARG A 134 5.56 -5.08 2.65
C ARG A 134 4.37 -4.41 3.36
N ASP A 135 3.69 -3.44 2.74
CA ASP A 135 2.36 -2.95 3.23
C ASP A 135 1.48 -2.47 2.07
N LEU A 136 1.39 -3.30 1.03
CA LEU A 136 0.48 -3.03 -0.10
C LEU A 136 -0.94 -3.19 0.42
N ALA A 137 -1.58 -2.07 0.72
CA ALA A 137 -2.94 -1.99 1.26
C ALA A 137 -3.62 -0.74 0.68
N ALA A 138 -4.94 -0.77 0.58
CA ALA A 138 -5.78 0.35 0.10
C ALA A 138 -5.32 1.68 0.74
N ARG A 139 -4.99 1.64 2.03
N ARG A 139 -4.99 1.65 2.03
CA ARG A 139 -4.57 2.82 2.84
CA ARG A 139 -4.59 2.85 2.82
C ARG A 139 -3.27 3.43 2.30
C ARG A 139 -3.29 3.45 2.27
N ASN A 140 -2.52 2.69 1.46
CA ASN A 140 -1.21 3.15 0.91
C ASN A 140 -1.26 3.37 -0.61
N VAL A 141 -2.46 3.42 -1.18
CA VAL A 141 -2.69 3.69 -2.61
C VAL A 141 -3.50 4.99 -2.73
N LEU A 142 -2.88 6.02 -3.30
CA LEU A 142 -3.42 7.41 -3.39
C LEU A 142 -4.04 7.59 -4.78
N LEU A 143 -5.12 8.37 -4.85
CA LEU A 143 -5.86 8.73 -6.09
C LEU A 143 -5.43 10.14 -6.54
N ASP A 144 -4.75 10.24 -7.69
CA ASP A 144 -4.37 11.54 -8.30
C ASP A 144 -5.61 12.10 -9.02
N ASN A 145 -6.33 11.25 -9.76
CA ASN A 145 -7.64 11.62 -10.38
C ASN A 145 -8.48 10.35 -10.66
N ASP A 146 -9.75 10.56 -11.02
CA ASP A 146 -10.82 9.55 -11.31
C ASP A 146 -10.25 8.26 -11.94
N ARG A 147 -9.22 8.32 -12.79
CA ARG A 147 -8.68 7.09 -13.43
C ARG A 147 -7.14 7.03 -13.30
N LEU A 148 -6.54 7.56 -12.22
CA LEU A 148 -5.08 7.38 -11.96
C LEU A 148 -4.79 7.20 -10.46
N VAL A 149 -4.17 6.07 -10.08
CA VAL A 149 -3.75 5.79 -8.67
C VAL A 149 -2.22 5.80 -8.59
N LYS A 150 -1.68 6.17 -7.42
CA LYS A 150 -0.22 6.14 -7.12
C LYS A 150 -0.01 5.42 -5.79
N ILE A 151 0.93 4.46 -5.74
CA ILE A 151 1.39 3.83 -4.47
C ILE A 151 2.16 4.88 -3.64
N GLY A 152 1.74 5.06 -2.39
CA GLY A 152 2.51 5.78 -1.35
C GLY A 152 2.96 4.87 -0.22
N ASP A 153 3.41 5.51 0.88
CA ASP A 153 3.96 4.88 2.10
C ASP A 153 4.89 3.74 1.70
N PHE A 154 6.19 4.03 1.56
CA PHE A 154 7.27 3.01 1.37
C PHE A 154 8.05 2.85 2.68
N GLY A 155 7.35 3.04 3.80
CA GLY A 155 7.94 2.99 5.15
C GLY A 155 8.50 1.62 5.50
N LEU A 156 7.88 0.54 4.99
CA LEU A 156 8.28 -0.87 5.23
C LEU A 156 9.01 -1.44 4.00
N ALA A 157 9.10 -0.72 2.88
CA ALA A 157 9.78 -1.22 1.65
C ALA A 157 11.24 -1.57 1.98
N LYS A 158 11.74 -2.69 1.45
CA LYS A 158 13.16 -3.16 1.63
C LYS A 158 13.76 -3.56 0.27
N ALA A 159 15.08 -3.37 0.11
CA ALA A 159 15.90 -3.91 -0.99
C ALA A 159 16.16 -5.41 -0.78
N VAL A 160 15.70 -6.26 -1.68
CA VAL A 160 16.01 -7.72 -1.68
C VAL A 160 17.45 -7.89 -2.15
N PRO A 161 18.32 -8.60 -1.40
CA PRO A 161 19.71 -8.83 -1.84
C PRO A 161 19.84 -9.87 -2.96
N HIS A 164 19.19 -13.10 -3.22
CA HIS A 164 18.06 -13.77 -2.51
C HIS A 164 16.75 -13.50 -3.23
N GLU A 165 15.68 -14.20 -2.84
CA GLU A 165 14.31 -14.09 -3.42
C GLU A 165 13.35 -13.50 -2.36
N ARG A 168 14.33 -11.40 5.17
CA ARG A 168 14.04 -11.88 6.54
C ARG A 168 13.62 -10.66 7.38
N VAL A 169 12.31 -10.52 7.62
CA VAL A 169 11.72 -9.44 8.47
C VAL A 169 11.98 -9.78 9.95
N ARG A 170 11.51 -8.96 10.89
CA ARG A 170 11.58 -9.22 12.35
C ARG A 170 10.14 -9.35 12.89
N GLU A 171 9.99 -9.58 14.20
CA GLU A 171 8.70 -9.41 14.91
C GLU A 171 8.61 -7.94 15.37
N ASP A 172 9.73 -7.39 15.85
CA ASP A 172 9.93 -5.94 16.08
C ASP A 172 9.49 -5.19 14.81
N GLY A 173 8.28 -4.61 14.83
CA GLY A 173 7.69 -3.80 13.75
C GLY A 173 6.15 -3.83 13.76
N ASP A 174 5.52 -2.78 13.22
CA ASP A 174 4.03 -2.63 13.16
C ASP A 174 3.51 -3.41 11.94
N SER A 175 3.51 -4.75 12.02
CA SER A 175 3.26 -5.67 10.87
C SER A 175 1.77 -5.65 10.54
N PRO A 176 1.38 -5.42 9.27
CA PRO A 176 -0.01 -5.53 8.87
C PRO A 176 -0.39 -6.99 8.55
N VAL A 177 -0.53 -7.80 9.61
CA VAL A 177 -0.73 -9.27 9.55
C VAL A 177 -1.96 -9.61 8.68
N PHE A 178 -3.01 -8.78 8.66
CA PHE A 178 -4.24 -9.08 7.89
C PHE A 178 -3.99 -8.95 6.36
N TRP A 179 -2.85 -8.43 5.92
CA TRP A 179 -2.53 -8.29 4.47
C TRP A 179 -1.42 -9.30 4.07
N TYR A 180 -1.06 -10.23 4.97
CA TYR A 180 0.22 -10.98 4.91
C TYR A 180 0.00 -12.48 4.62
N ALA A 181 0.87 -13.04 3.76
CA ALA A 181 0.86 -14.47 3.37
C ALA A 181 1.33 -15.34 4.54
N PRO A 182 0.92 -16.63 4.60
CA PRO A 182 1.36 -17.54 5.65
C PRO A 182 2.88 -17.55 5.85
N GLU A 183 3.67 -17.45 4.79
CA GLU A 183 5.15 -17.58 4.90
C GLU A 183 5.68 -16.40 5.71
N CYS A 184 5.06 -15.21 5.55
CA CYS A 184 5.42 -13.97 6.29
C CYS A 184 5.09 -14.11 7.77
N LEU A 185 3.88 -14.62 8.06
CA LEU A 185 3.33 -14.84 9.42
C LEU A 185 4.09 -15.92 10.19
N LYS A 186 4.59 -16.96 9.52
CA LYS A 186 5.14 -18.21 10.12
C LYS A 186 6.67 -18.20 10.12
N GLU A 187 7.28 -17.91 8.98
CA GLU A 187 8.73 -18.14 8.76
C GLU A 187 9.45 -16.79 8.65
N TYR A 188 8.71 -15.69 8.84
CA TYR A 188 9.25 -14.31 8.82
C TYR A 188 10.13 -14.06 7.58
N LYS A 189 9.84 -14.75 6.47
CA LYS A 189 10.44 -14.49 5.14
C LYS A 189 9.44 -13.66 4.32
N PHE A 190 9.90 -12.61 3.66
CA PHE A 190 9.03 -11.80 2.77
C PHE A 190 9.56 -11.91 1.35
N TYR A 191 8.78 -12.56 0.47
CA TYR A 191 9.11 -12.85 -0.95
C TYR A 191 8.41 -11.81 -1.84
N TYR A 192 8.85 -11.65 -3.10
CA TYR A 192 8.06 -10.87 -4.10
C TYR A 192 6.63 -11.39 -4.07
N ALA A 193 6.46 -12.70 -3.95
CA ALA A 193 5.14 -13.37 -4.02
C ALA A 193 4.28 -12.98 -2.79
N SER A 194 4.89 -12.54 -1.69
CA SER A 194 4.18 -12.04 -0.48
C SER A 194 3.48 -10.70 -0.80
N ASP A 195 4.09 -9.86 -1.65
CA ASP A 195 3.47 -8.57 -2.05
C ASP A 195 2.26 -8.86 -2.95
N VAL A 196 2.30 -9.94 -3.75
CA VAL A 196 1.17 -10.38 -4.62
C VAL A 196 -0.01 -10.81 -3.75
N TRP A 197 0.24 -11.47 -2.62
CA TRP A 197 -0.83 -11.87 -1.66
C TRP A 197 -1.51 -10.61 -1.11
N SER A 198 -0.70 -9.61 -0.73
CA SER A 198 -1.14 -8.30 -0.20
C SER A 198 -2.00 -7.60 -1.25
N PHE A 199 -1.57 -7.67 -2.53
CA PHE A 199 -2.33 -7.16 -3.68
C PHE A 199 -3.71 -7.80 -3.71
N GLY A 200 -3.80 -9.13 -3.60
CA GLY A 200 -5.10 -9.83 -3.55
C GLY A 200 -6.02 -9.23 -2.50
N VAL A 201 -5.49 -8.90 -1.31
CA VAL A 201 -6.28 -8.35 -0.17
C VAL A 201 -6.67 -6.92 -0.57
N THR A 202 -5.71 -6.15 -1.08
CA THR A 202 -5.99 -4.78 -1.61
C THR A 202 -7.12 -4.87 -2.64
N LEU A 203 -7.07 -5.83 -3.56
CA LEU A 203 -8.11 -5.99 -4.61
C LEU A 203 -9.45 -6.29 -3.93
N TYR A 204 -9.45 -7.12 -2.88
CA TYR A 204 -10.63 -7.39 -2.02
C TYR A 204 -11.19 -6.07 -1.42
N GLU A 205 -10.31 -5.22 -0.89
CA GLU A 205 -10.69 -3.88 -0.33
C GLU A 205 -11.37 -3.01 -1.41
N LEU A 206 -10.78 -2.92 -2.62
CA LEU A 206 -11.31 -2.13 -3.76
C LEU A 206 -12.74 -2.56 -4.05
N LEU A 207 -13.00 -3.87 -4.13
CA LEU A 207 -14.34 -4.38 -4.56
C LEU A 207 -15.36 -4.30 -3.41
N THR A 208 -14.93 -4.02 -2.17
CA THR A 208 -15.82 -3.70 -1.01
C THR A 208 -15.85 -2.20 -0.74
N HIS A 209 -15.32 -1.38 -1.65
CA HIS A 209 -15.32 0.11 -1.54
C HIS A 209 -14.76 0.50 -0.16
N CYS A 210 -13.72 -0.22 0.25
CA CYS A 210 -13.06 -0.19 1.58
C CYS A 210 -14.08 0.01 2.71
N ASP A 211 -15.22 -0.67 2.63
CA ASP A 211 -16.24 -0.72 3.72
C ASP A 211 -15.56 -1.30 4.97
N SER A 212 -15.66 -0.60 6.11
CA SER A 212 -15.03 -0.97 7.41
C SER A 212 -15.55 -2.32 7.91
N SER A 213 -16.86 -2.52 7.85
CA SER A 213 -17.54 -3.78 8.24
C SER A 213 -17.05 -4.94 7.35
N GLN A 214 -16.55 -4.65 6.14
CA GLN A 214 -16.08 -5.68 5.18
C GLN A 214 -14.55 -5.83 5.23
N SER A 215 -13.85 -5.06 6.08
CA SER A 215 -12.36 -4.99 6.09
C SER A 215 -11.72 -6.33 6.53
N PRO A 216 -10.50 -6.63 6.03
CA PRO A 216 -9.74 -7.81 6.40
C PRO A 216 -9.63 -8.01 7.89
N PRO A 217 -9.22 -7.00 8.69
CA PRO A 217 -9.12 -7.18 10.13
C PRO A 217 -10.50 -7.54 10.71
N THR A 218 -11.56 -6.86 10.28
CA THR A 218 -12.92 -7.16 10.79
C THR A 218 -13.27 -8.61 10.48
N LYS A 219 -13.06 -9.04 9.23
CA LYS A 219 -13.52 -10.34 8.68
C LYS A 219 -12.69 -11.50 9.24
N PHE A 220 -11.38 -11.31 9.39
CA PHE A 220 -10.45 -12.33 9.93
C PHE A 220 -10.68 -12.49 11.44
N LEU A 221 -10.91 -11.40 12.20
CA LEU A 221 -11.24 -11.49 13.66
C LEU A 221 -12.66 -12.02 13.86
N GLU A 222 -13.54 -11.85 12.88
CA GLU A 222 -14.90 -12.47 12.87
C GLU A 222 -14.77 -14.00 12.75
N LEU A 223 -13.75 -14.49 12.04
CA LEU A 223 -13.50 -15.96 11.87
C LEU A 223 -12.74 -16.53 13.09
N ILE A 224 -11.76 -15.79 13.60
CA ILE A 224 -10.85 -16.17 14.73
C ILE A 224 -11.54 -15.92 16.07
N GLY A 225 -12.03 -14.69 16.27
CA GLY A 225 -12.54 -14.18 17.55
C GLY A 225 -11.45 -13.46 18.33
N ILE A 226 -11.82 -12.98 19.53
CA ILE A 226 -11.08 -12.02 20.38
C ILE A 226 -10.84 -12.62 21.77
N ALA A 227 -11.20 -13.90 21.97
CA ALA A 227 -11.24 -14.56 23.29
C ALA A 227 -9.81 -14.92 23.76
N GLN A 228 -8.89 -15.07 22.81
CA GLN A 228 -7.45 -15.40 22.98
C GLN A 228 -6.64 -14.54 21.98
N GLY A 229 -6.41 -13.27 22.34
CA GLY A 229 -5.72 -12.27 21.51
C GLY A 229 -4.23 -12.53 21.39
N GLN A 230 -3.65 -13.28 22.33
CA GLN A 230 -2.19 -13.62 22.30
C GLN A 230 -1.84 -14.66 21.19
N MET A 231 -2.88 -15.18 20.48
CA MET A 231 -2.63 -16.08 19.32
C MET A 231 -3.50 -15.76 18.09
N THR A 232 -3.84 -14.49 17.88
CA THR A 232 -4.51 -13.99 16.65
C THR A 232 -3.70 -14.46 15.43
N VAL A 233 -2.37 -14.30 15.48
CA VAL A 233 -1.44 -14.68 14.37
C VAL A 233 -1.52 -16.22 14.19
N LEU A 234 -1.26 -17.00 15.23
CA LEU A 234 -1.31 -18.47 15.17
C LEU A 234 -2.65 -18.90 14.57
N ARG A 235 -3.77 -18.40 15.10
CA ARG A 235 -5.11 -18.75 14.57
C ARG A 235 -5.23 -18.31 13.09
N LEU A 236 -4.72 -17.12 12.75
CA LEU A 236 -4.81 -16.59 11.37
C LEU A 236 -4.03 -17.53 10.44
N THR A 237 -2.83 -17.91 10.86
CA THR A 237 -1.91 -18.79 10.10
C THR A 237 -2.57 -20.13 9.82
N GLU A 238 -3.20 -20.72 10.83
CA GLU A 238 -3.89 -22.02 10.74
C GLU A 238 -5.08 -21.90 9.77
N LEU A 239 -5.96 -20.92 10.00
CA LEU A 239 -7.13 -20.57 9.14
C LEU A 239 -6.69 -20.54 7.65
N LEU A 240 -5.57 -19.86 7.35
CA LEU A 240 -5.08 -19.70 5.97
C LEU A 240 -4.50 -21.04 5.44
N GLU A 241 -3.82 -21.84 6.28
CA GLU A 241 -3.20 -23.14 5.88
C GLU A 241 -4.29 -24.20 5.62
N ARG A 242 -5.42 -24.10 6.34
CA ARG A 242 -6.64 -24.92 6.13
C ARG A 242 -7.42 -24.46 4.89
N GLY A 243 -7.03 -23.35 4.27
CA GLY A 243 -7.46 -22.91 2.93
C GLY A 243 -8.63 -21.95 2.97
N GLU A 244 -9.00 -21.46 4.15
CA GLU A 244 -10.08 -20.45 4.30
C GLU A 244 -9.56 -19.08 3.85
N ARG A 245 -10.45 -18.31 3.26
CA ARG A 245 -10.10 -17.02 2.62
C ARG A 245 -11.21 -16.01 2.92
N LEU A 246 -10.87 -14.72 2.82
CA LEU A 246 -11.87 -13.62 2.82
C LEU A 246 -12.92 -13.95 1.78
N PRO A 247 -14.20 -13.63 2.00
CA PRO A 247 -15.26 -14.04 1.09
C PRO A 247 -15.26 -13.25 -0.22
N ARG A 248 -16.14 -13.63 -1.14
CA ARG A 248 -16.34 -12.94 -2.43
C ARG A 248 -17.17 -11.67 -2.18
N PRO A 249 -16.63 -10.47 -2.44
CA PRO A 249 -17.37 -9.23 -2.23
C PRO A 249 -18.63 -9.14 -3.09
N ASP A 250 -19.74 -8.61 -2.54
CA ASP A 250 -21.01 -8.39 -3.30
C ASP A 250 -20.71 -7.77 -4.67
N LYS A 251 -21.24 -8.38 -5.73
CA LYS A 251 -21.11 -7.88 -7.12
C LYS A 251 -19.65 -7.97 -7.60
N CYS A 252 -18.77 -8.70 -6.91
CA CYS A 252 -17.45 -9.12 -7.45
C CYS A 252 -17.68 -10.27 -8.42
N PRO A 253 -17.34 -10.15 -9.72
CA PRO A 253 -17.46 -11.25 -10.67
C PRO A 253 -16.63 -12.49 -10.29
N CYS A 254 -17.19 -13.68 -10.53
CA CYS A 254 -16.57 -14.99 -10.26
C CYS A 254 -15.10 -14.99 -10.73
N GLU A 255 -14.84 -14.42 -11.92
CA GLU A 255 -13.51 -14.41 -12.59
C GLU A 255 -12.51 -13.62 -11.74
N VAL A 256 -12.95 -12.49 -11.19
CA VAL A 256 -12.07 -11.59 -10.38
C VAL A 256 -11.74 -12.33 -9.07
N TYR A 257 -12.75 -12.91 -8.41
CA TYR A 257 -12.57 -13.64 -7.14
C TYR A 257 -11.55 -14.79 -7.34
N HIS A 258 -11.61 -15.49 -8.49
CA HIS A 258 -10.66 -16.57 -8.87
C HIS A 258 -9.24 -16.00 -8.95
N LEU A 259 -9.07 -14.83 -9.60
CA LEU A 259 -7.77 -14.09 -9.63
C LEU A 259 -7.34 -13.72 -8.20
N MET A 260 -8.26 -13.23 -7.38
CA MET A 260 -8.03 -12.92 -5.95
C MET A 260 -7.47 -14.16 -5.26
N LYS A 261 -8.14 -15.31 -5.44
CA LYS A 261 -7.75 -16.60 -4.79
C LYS A 261 -6.39 -17.07 -5.32
N ASN A 262 -6.11 -16.82 -6.60
CA ASN A 262 -4.79 -17.13 -7.23
C ASN A 262 -3.69 -16.31 -6.56
N CYS A 263 -3.99 -15.06 -6.18
CA CYS A 263 -3.05 -14.22 -5.39
C CYS A 263 -2.90 -14.75 -3.96
N TRP A 264 -3.91 -15.48 -3.45
CA TRP A 264 -3.93 -16.03 -2.07
C TRP A 264 -3.55 -17.51 -2.07
N GLU A 265 -2.63 -17.92 -2.92
CA GLU A 265 -2.19 -19.34 -3.00
C GLU A 265 -1.27 -19.55 -1.80
N THR A 266 -1.51 -20.60 -1.01
CA THR A 266 -0.71 -20.95 0.18
C THR A 266 0.76 -21.10 -0.20
N GLU A 267 1.03 -21.85 -1.28
CA GLU A 267 2.37 -21.92 -1.91
C GLU A 267 2.65 -20.65 -2.71
N ALA A 268 3.76 -19.97 -2.37
CA ALA A 268 4.16 -18.67 -2.91
C ALA A 268 4.48 -18.82 -4.41
N SER A 269 5.16 -19.90 -4.79
CA SER A 269 5.61 -20.15 -6.18
C SER A 269 4.43 -20.31 -7.15
N PHE A 270 3.24 -20.67 -6.66
CA PHE A 270 1.99 -20.81 -7.46
C PHE A 270 1.22 -19.49 -7.62
N ARG A 271 1.60 -18.43 -6.90
CA ARG A 271 1.01 -17.09 -7.12
C ARG A 271 1.57 -16.47 -8.39
N PRO A 272 0.75 -15.70 -9.16
CA PRO A 272 1.26 -15.03 -10.36
C PRO A 272 2.16 -13.87 -9.90
N THR A 273 3.13 -13.49 -10.71
CA THR A 273 3.89 -12.24 -10.51
C THR A 273 2.99 -11.07 -10.94
N PHE A 274 3.43 -9.84 -10.72
CA PHE A 274 2.69 -8.62 -11.14
C PHE A 274 2.70 -8.54 -12.67
N GLU A 275 3.83 -8.85 -13.31
CA GLU A 275 3.93 -8.89 -14.80
C GLU A 275 2.92 -9.90 -15.36
N ASN A 276 2.66 -11.05 -14.70
CA ASN A 276 1.54 -11.93 -15.10
C ASN A 276 0.19 -11.20 -15.01
N LEU A 277 -0.10 -10.50 -13.91
CA LEU A 277 -1.45 -9.97 -13.62
C LEU A 277 -1.81 -8.86 -14.64
N ILE A 278 -0.82 -8.08 -15.08
CA ILE A 278 -1.07 -6.81 -15.82
C ILE A 278 -1.97 -7.09 -17.03
N PRO A 279 -1.61 -8.02 -17.94
CA PRO A 279 -2.45 -8.31 -19.10
C PRO A 279 -3.80 -8.94 -18.78
N ILE A 280 -3.89 -9.65 -17.66
CA ILE A 280 -5.18 -10.25 -17.19
C ILE A 280 -6.11 -9.10 -16.74
N LEU A 281 -5.60 -8.15 -15.96
CA LEU A 281 -6.39 -6.99 -15.46
C LEU A 281 -6.69 -6.02 -16.62
N LYS A 282 -5.75 -5.79 -17.52
CA LYS A 282 -5.97 -5.05 -18.80
C LYS A 282 -7.21 -5.58 -19.51
N THR A 283 -7.30 -6.91 -19.64
CA THR A 283 -8.30 -7.63 -20.45
C THR A 283 -9.63 -7.68 -19.67
N VAL A 284 -9.60 -8.00 -18.39
CA VAL A 284 -10.82 -7.98 -17.52
C VAL A 284 -11.39 -6.55 -17.48
N HIS A 285 -10.54 -5.52 -17.36
CA HIS A 285 -10.95 -4.09 -17.38
C HIS A 285 -11.76 -3.81 -18.65
N GLU A 286 -11.20 -4.18 -19.81
CA GLU A 286 -11.81 -3.94 -21.14
C GLU A 286 -13.23 -4.52 -21.18
N LYS A 287 -13.47 -5.65 -20.50
CA LYS A 287 -14.73 -6.44 -20.61
C LYS A 287 -15.90 -5.73 -19.93
N TYR A 288 -15.72 -5.22 -18.71
CA TYR A 288 -16.78 -4.59 -17.88
C TYR A 288 -16.88 -3.09 -18.24
N GLN A 289 -15.97 -2.60 -19.08
CA GLN A 289 -16.01 -1.24 -19.64
C GLN A 289 -17.06 -1.20 -20.75
#